data_1LBZ
#
_entry.id   1LBZ
#
_cell.length_a   89.610
_cell.length_b   89.610
_cell.length_c   102.940
_cell.angle_alpha   90.00
_cell.angle_beta   90.00
_cell.angle_gamma   120.00
#
_symmetry.space_group_name_H-M   'P 32'
#
loop_
_entity.id
_entity.type
_entity.pdbx_description
1 polymer 'fructose 1,6-bisphosphatase/inositol monophosphatase'
2 non-polymer 1,6-di-O-phosphono-beta-D-fructofuranose
3 non-polymer 'CALCIUM ION'
4 water water
#
_entity_poly.entity_id   1
_entity_poly.type   'polypeptide(L)'
_entity_poly.pdbx_seq_one_letter_code
;MDERDALRISREIAGEVRKAIASMPLRERVKDVGMGKDGTPTKAADRVAEDAALEILRKERVTVVTEESGVLGEGDVFVA
LDPLDGTFNATRGIPVYSVSLCFSYSDKLKDAFFGYVYNLATGDEYYADSSGAYRNGERIEVSDAEELYCNAIIYYPDRK
FPFKRMRIFGSAATELCFFADGSFDCFLDIRPGKMLRIYDAAAGVFIAEKAGGKVTELDGESLGNKKFDMQERLNIVAAN
EKLHPKLLELIK
;
_entity_poly.pdbx_strand_id   A,B
#
loop_
_chem_comp.id
_chem_comp.type
_chem_comp.name
_chem_comp.formula
CA non-polymer 'CALCIUM ION' 'Ca 2'
FBP D-saccharide, beta linking 1,6-di-O-phosphono-beta-D-fructofuranose 'C6 H14 O12 P2'
#
# COMPACT_ATOMS: atom_id res chain seq x y z
N MET A 1 -23.68 0.48 -26.65
CA MET A 1 -22.49 1.31 -26.41
C MET A 1 -21.24 0.57 -26.84
N ASP A 2 -20.17 1.22 -27.27
CA ASP A 2 -18.97 0.49 -27.68
C ASP A 2 -17.77 0.82 -26.79
N GLU A 3 -16.76 -0.02 -26.90
CA GLU A 3 -15.47 -0.02 -26.24
C GLU A 3 -14.80 1.35 -26.18
N ARG A 4 -15.00 2.15 -27.22
CA ARG A 4 -14.29 3.43 -27.30
C ARG A 4 -14.99 4.50 -26.49
N ASP A 5 -16.32 4.49 -26.51
CA ASP A 5 -17.06 5.43 -25.65
C ASP A 5 -16.63 5.25 -24.20
N ALA A 6 -16.88 4.06 -23.68
CA ALA A 6 -16.56 3.67 -22.32
C ALA A 6 -15.19 4.15 -21.89
N LEU A 7 -14.23 4.10 -22.82
CA LEU A 7 -12.88 4.49 -22.46
C LEU A 7 -12.76 6.00 -22.29
N ARG A 8 -13.55 6.69 -23.12
CA ARG A 8 -13.58 8.15 -23.03
C ARG A 8 -14.31 8.56 -21.74
N ILE A 9 -15.55 8.10 -21.62
CA ILE A 9 -16.38 8.33 -20.45
C ILE A 9 -15.62 8.07 -19.15
N SER A 10 -15.11 6.85 -19.02
CA SER A 10 -14.32 6.45 -17.87
C SER A 10 -13.26 7.50 -17.53
N ARG A 11 -12.53 7.89 -18.57
CA ARG A 11 -11.49 8.90 -18.38
C ARG A 11 -12.12 10.17 -17.81
N GLU A 12 -13.22 10.58 -18.42
CA GLU A 12 -14.03 11.72 -17.97
C GLU A 12 -14.24 11.63 -16.46
N ILE A 13 -14.93 10.59 -16.03
CA ILE A 13 -15.20 10.37 -14.62
C ILE A 13 -13.96 10.49 -13.75
N ALA A 14 -12.89 9.80 -14.15
CA ALA A 14 -11.67 9.83 -13.36
C ALA A 14 -11.20 11.27 -13.14
N GLY A 15 -11.45 12.09 -14.17
CA GLY A 15 -11.10 13.49 -14.18
C GLY A 15 -11.67 14.29 -13.03
N GLU A 16 -12.98 14.45 -13.01
CA GLU A 16 -13.58 15.25 -11.95
C GLU A 16 -13.32 14.63 -10.58
N VAL A 17 -13.62 13.34 -10.44
CA VAL A 17 -13.44 12.65 -9.17
C VAL A 17 -12.06 12.91 -8.59
N ARG A 18 -11.06 13.03 -9.46
CA ARG A 18 -9.71 13.29 -8.98
C ARG A 18 -9.59 14.75 -8.55
N LYS A 19 -10.22 15.61 -9.34
CA LYS A 19 -10.26 17.03 -9.01
C LYS A 19 -11.01 17.22 -7.70
N ALA A 20 -12.16 16.54 -7.61
CA ALA A 20 -13.06 16.59 -6.47
C ALA A 20 -12.43 16.04 -5.20
N ILE A 21 -11.87 14.85 -5.30
CA ILE A 21 -11.35 14.19 -4.10
C ILE A 21 -10.04 14.82 -3.67
N ALA A 22 -9.33 15.41 -4.64
CA ALA A 22 -8.02 15.98 -4.34
C ALA A 22 -8.10 17.31 -3.61
N SER A 23 -9.23 18.01 -3.73
CA SER A 23 -9.42 19.27 -3.05
C SER A 23 -9.69 19.05 -1.57
N MET A 24 -10.39 17.95 -1.26
CA MET A 24 -10.77 17.68 0.12
C MET A 24 -9.54 17.33 0.94
N PRO A 25 -9.53 17.82 2.18
CA PRO A 25 -8.48 17.49 3.14
C PRO A 25 -8.90 16.21 3.86
N LEU A 26 -7.95 15.51 4.46
CA LEU A 26 -8.28 14.27 5.14
C LEU A 26 -9.39 14.49 6.17
N ARG A 27 -9.28 15.58 6.90
CA ARG A 27 -10.20 15.96 7.96
C ARG A 27 -11.64 16.09 7.48
N GLU A 28 -11.87 16.63 6.29
CA GLU A 28 -13.25 16.60 5.80
C GLU A 28 -13.60 15.19 5.35
N ARG A 29 -12.65 14.60 4.65
CA ARG A 29 -12.66 13.30 4.03
C ARG A 29 -13.19 12.20 4.94
N VAL A 30 -12.68 12.18 6.17
CA VAL A 30 -12.99 11.12 7.10
C VAL A 30 -14.36 11.31 7.76
N LYS A 31 -15.10 12.30 7.28
CA LYS A 31 -16.42 12.58 7.81
C LYS A 31 -17.45 11.53 7.39
N ASP A 32 -18.19 11.04 8.38
CA ASP A 32 -19.34 10.18 8.19
C ASP A 32 -20.57 11.00 7.84
N VAL A 33 -20.80 11.27 6.55
CA VAL A 33 -21.88 12.15 6.12
C VAL A 33 -23.23 11.46 6.06
N GLY A 34 -23.28 10.15 6.24
CA GLY A 34 -24.59 9.52 6.12
C GLY A 34 -24.49 8.04 5.92
N MET A 35 -25.37 7.51 5.07
CA MET A 35 -25.37 6.07 4.81
C MET A 35 -25.62 5.80 3.33
N GLY A 36 -24.69 5.05 2.76
CA GLY A 36 -24.82 4.54 1.41
C GLY A 36 -25.91 3.49 1.35
N LYS A 37 -26.56 3.34 0.19
CA LYS A 37 -27.66 2.38 0.09
C LYS A 37 -27.15 0.96 -0.09
N ASP A 38 -25.93 0.67 0.35
CA ASP A 38 -25.39 -0.67 0.34
C ASP A 38 -25.21 -1.20 1.77
N GLY A 39 -25.66 -0.42 2.75
CA GLY A 39 -25.65 -0.79 4.14
C GLY A 39 -24.45 -0.36 4.96
N THR A 40 -23.62 0.53 4.42
CA THR A 40 -22.44 1.06 5.10
C THR A 40 -22.41 2.58 5.03
N PRO A 41 -21.71 3.21 5.95
CA PRO A 41 -21.73 4.68 6.04
C PRO A 41 -21.10 5.35 4.82
N THR A 42 -21.70 6.45 4.39
CA THR A 42 -21.12 7.26 3.32
C THR A 42 -20.16 8.31 3.85
N LYS A 43 -18.86 8.23 3.57
CA LYS A 43 -18.04 9.37 4.00
C LYS A 43 -18.10 10.46 2.95
N ALA A 44 -17.73 11.68 3.33
CA ALA A 44 -17.90 12.79 2.40
C ALA A 44 -17.14 12.51 1.10
N ALA A 45 -15.99 11.84 1.22
CA ALA A 45 -15.19 11.51 0.06
C ALA A 45 -15.95 10.58 -0.88
N ASP A 46 -16.58 9.59 -0.25
CA ASP A 46 -17.43 8.66 -0.96
C ASP A 46 -18.49 9.43 -1.73
N ARG A 47 -19.25 10.26 -1.01
CA ARG A 47 -20.29 11.08 -1.60
C ARG A 47 -19.75 12.03 -2.66
N VAL A 48 -18.61 12.64 -2.36
CA VAL A 48 -18.01 13.55 -3.34
C VAL A 48 -17.60 12.78 -4.59
N ALA A 49 -16.90 11.66 -4.40
CA ALA A 49 -16.53 10.85 -5.55
C ALA A 49 -17.77 10.35 -6.28
N GLU A 50 -18.70 9.70 -5.57
CA GLU A 50 -19.85 9.16 -6.28
C GLU A 50 -20.65 10.27 -6.94
N ASP A 51 -20.66 11.41 -6.27
CA ASP A 51 -21.39 12.58 -6.76
C ASP A 51 -21.01 12.82 -8.23
N ALA A 52 -19.79 13.28 -8.43
CA ALA A 52 -19.20 13.66 -9.70
C ALA A 52 -19.16 12.53 -10.72
N ALA A 53 -19.44 11.30 -10.30
CA ALA A 53 -19.43 10.19 -11.24
C ALA A 53 -20.72 10.13 -12.05
N LEU A 54 -21.80 9.91 -11.31
CA LEU A 54 -23.17 9.81 -11.78
C LEU A 54 -23.55 11.04 -12.58
N GLU A 55 -23.00 12.17 -12.14
CA GLU A 55 -23.14 13.41 -12.89
C GLU A 55 -22.74 13.17 -14.34
N ILE A 56 -21.66 12.41 -14.49
CA ILE A 56 -21.14 12.04 -15.81
C ILE A 56 -21.77 10.75 -16.33
N LEU A 57 -22.22 9.87 -15.44
CA LEU A 57 -22.72 8.58 -15.86
C LEU A 57 -24.15 8.59 -16.36
N ARG A 58 -25.15 8.81 -15.52
CA ARG A 58 -26.55 8.65 -15.91
C ARG A 58 -27.06 9.56 -17.02
N LYS A 59 -26.22 10.10 -17.89
CA LYS A 59 -26.70 10.83 -19.06
C LYS A 59 -26.74 9.85 -20.23
N GLU A 60 -26.01 8.78 -20.01
CA GLU A 60 -25.87 7.63 -20.88
C GLU A 60 -27.00 6.61 -20.68
N ARG A 61 -27.42 6.02 -21.79
CA ARG A 61 -28.39 4.95 -21.82
C ARG A 61 -27.87 3.72 -21.10
N VAL A 62 -27.64 3.81 -19.78
CA VAL A 62 -27.10 2.66 -19.07
C VAL A 62 -27.71 2.47 -17.69
N THR A 63 -27.68 1.22 -17.23
CA THR A 63 -28.07 0.98 -15.83
C THR A 63 -26.82 1.01 -14.98
N VAL A 64 -26.88 1.66 -13.83
CA VAL A 64 -25.73 1.68 -12.93
C VAL A 64 -26.06 1.01 -11.61
N VAL A 65 -25.04 0.39 -11.01
CA VAL A 65 -25.20 -0.26 -9.72
C VAL A 65 -23.95 0.07 -8.91
N THR A 66 -24.13 0.89 -7.89
CA THR A 66 -22.98 1.46 -7.21
C THR A 66 -23.26 1.52 -5.71
N GLU A 67 -22.20 1.53 -4.94
CA GLU A 67 -22.11 1.46 -3.50
C GLU A 67 -23.12 2.31 -2.73
N GLU A 68 -23.22 3.57 -3.12
CA GLU A 68 -23.94 4.57 -2.37
C GLU A 68 -25.40 4.68 -2.75
N SER A 69 -25.68 4.75 -4.05
CA SER A 69 -27.06 4.90 -4.50
C SER A 69 -27.67 3.60 -4.99
N GLY A 70 -26.87 2.54 -5.15
CA GLY A 70 -27.44 1.27 -5.59
C GLY A 70 -27.66 1.24 -7.09
N VAL A 71 -28.84 0.80 -7.53
CA VAL A 71 -29.16 0.64 -8.93
C VAL A 71 -30.01 1.81 -9.46
N LEU A 72 -29.48 2.45 -10.49
CA LEU A 72 -30.09 3.63 -11.07
C LEU A 72 -29.65 3.78 -12.53
N GLY A 73 -30.62 3.77 -13.43
CA GLY A 73 -30.36 3.89 -14.86
C GLY A 73 -31.53 3.26 -15.62
N GLU A 74 -31.50 3.31 -16.94
CA GLU A 74 -32.66 2.87 -17.74
C GLU A 74 -32.28 2.05 -18.97
N GLY A 75 -31.00 1.82 -19.22
CA GLY A 75 -30.54 1.11 -20.40
C GLY A 75 -30.01 -0.28 -20.15
N ASP A 76 -29.76 -1.01 -21.25
CA ASP A 76 -29.29 -2.38 -21.21
C ASP A 76 -27.79 -2.48 -21.01
N VAL A 77 -27.08 -1.37 -21.20
CA VAL A 77 -25.66 -1.43 -20.87
C VAL A 77 -25.52 -1.22 -19.35
N PHE A 78 -25.08 -2.29 -18.70
CA PHE A 78 -24.86 -2.24 -17.26
C PHE A 78 -23.45 -1.76 -16.93
N VAL A 79 -23.36 -1.01 -15.83
CA VAL A 79 -22.09 -0.51 -15.36
C VAL A 79 -21.92 -0.88 -13.88
N ALA A 80 -20.70 -1.27 -13.54
CA ALA A 80 -20.30 -1.61 -12.18
C ALA A 80 -19.36 -0.53 -11.66
N LEU A 81 -19.92 0.43 -10.93
CA LEU A 81 -19.11 1.55 -10.46
C LEU A 81 -18.82 1.42 -8.96
N ASP A 82 -17.55 1.63 -8.65
CA ASP A 82 -17.09 1.99 -7.33
C ASP A 82 -16.36 3.33 -7.55
N PRO A 83 -17.08 4.41 -7.26
CA PRO A 83 -16.55 5.77 -7.37
C PRO A 83 -15.32 6.00 -6.49
N LEU A 84 -15.03 5.12 -5.53
CA LEU A 84 -13.80 5.19 -4.77
C LEU A 84 -13.64 4.03 -3.78
N ASP A 85 -13.00 2.95 -4.21
CA ASP A 85 -12.64 1.84 -3.32
C ASP A 85 -11.21 2.09 -2.86
N GLY A 86 -10.93 1.97 -1.58
CA GLY A 86 -9.74 2.57 -0.97
C GLY A 86 -10.12 3.84 -0.25
N THR A 87 -11.34 3.86 0.31
CA THR A 87 -11.76 5.03 1.08
C THR A 87 -10.91 5.21 2.33
N PHE A 88 -10.66 4.11 3.03
CA PHE A 88 -9.80 4.08 4.20
C PHE A 88 -8.49 4.83 3.91
N ASN A 89 -7.74 4.34 2.93
CA ASN A 89 -6.52 5.00 2.49
C ASN A 89 -6.78 6.43 2.03
N ALA A 90 -7.97 6.69 1.48
CA ALA A 90 -8.21 8.04 0.95
C ALA A 90 -8.35 9.08 2.05
N THR A 91 -8.94 8.72 3.18
CA THR A 91 -9.13 9.67 4.28
C THR A 91 -7.93 9.74 5.22
N ARG A 92 -6.90 8.93 4.99
CA ARG A 92 -5.66 9.00 5.75
C ARG A 92 -4.45 9.19 4.83
N GLY A 93 -4.65 9.72 3.63
CA GLY A 93 -3.56 10.06 2.74
C GLY A 93 -2.63 8.93 2.35
N ILE A 94 -3.19 7.73 2.16
CA ILE A 94 -2.48 6.57 1.63
C ILE A 94 -2.77 6.43 0.14
N PRO A 95 -1.74 6.61 -0.68
CA PRO A 95 -1.90 6.81 -2.12
C PRO A 95 -2.36 5.60 -2.91
N VAL A 96 -3.06 4.66 -2.29
CA VAL A 96 -3.59 3.52 -3.04
C VAL A 96 -5.11 3.52 -3.04
N TYR A 97 -5.75 4.32 -3.88
CA TYR A 97 -7.22 4.26 -3.93
C TYR A 97 -7.63 4.59 -5.35
N SER A 98 -8.70 3.98 -5.86
CA SER A 98 -9.06 4.22 -7.26
C SER A 98 -10.55 4.23 -7.50
N VAL A 99 -11.00 4.89 -8.57
CA VAL A 99 -12.36 4.61 -9.04
C VAL A 99 -12.32 3.41 -9.99
N SER A 100 -13.29 2.53 -9.85
CA SER A 100 -13.37 1.32 -10.65
C SER A 100 -14.66 1.34 -11.47
N LEU A 101 -14.56 0.87 -12.70
CA LEU A 101 -15.70 0.74 -13.59
C LEU A 101 -15.51 -0.48 -14.51
N CYS A 102 -16.63 -1.09 -14.86
CA CYS A 102 -16.66 -2.16 -15.85
C CYS A 102 -17.99 -2.11 -16.56
N PHE A 103 -17.95 -2.15 -17.90
CA PHE A 103 -19.18 -2.03 -18.68
C PHE A 103 -19.53 -3.37 -19.32
N SER A 104 -20.81 -3.72 -19.32
CA SER A 104 -21.27 -5.01 -19.83
C SER A 104 -22.53 -4.84 -20.68
N TYR A 105 -22.72 -5.72 -21.66
CA TYR A 105 -23.93 -5.65 -22.49
C TYR A 105 -25.05 -6.45 -21.83
N SER A 106 -24.89 -6.68 -20.53
CA SER A 106 -25.87 -7.36 -19.69
C SER A 106 -25.48 -7.22 -18.22
N ASP A 107 -26.26 -7.82 -17.32
CA ASP A 107 -25.95 -7.70 -15.90
C ASP A 107 -25.15 -8.90 -15.43
N LYS A 108 -24.48 -9.53 -16.40
CA LYS A 108 -23.60 -10.64 -16.03
C LYS A 108 -22.17 -10.27 -16.37
N LEU A 109 -21.20 -10.72 -15.57
CA LEU A 109 -19.82 -10.33 -15.82
C LEU A 109 -19.38 -10.70 -17.23
N LYS A 110 -19.81 -11.87 -17.69
CA LYS A 110 -19.45 -12.46 -18.97
C LYS A 110 -19.92 -11.66 -20.17
N ASP A 111 -20.48 -10.48 -20.01
CA ASP A 111 -20.76 -9.65 -21.19
C ASP A 111 -20.03 -8.33 -21.03
N ALA A 112 -19.07 -8.29 -20.10
CA ALA A 112 -18.36 -7.01 -19.94
C ALA A 112 -17.52 -6.73 -21.17
N PHE A 113 -17.45 -5.47 -21.59
CA PHE A 113 -16.65 -5.11 -22.75
C PHE A 113 -15.62 -4.03 -22.39
N PHE A 114 -15.77 -3.45 -21.20
CA PHE A 114 -14.77 -2.46 -20.77
C PHE A 114 -14.47 -2.61 -19.28
N GLY A 115 -13.22 -2.46 -18.94
CA GLY A 115 -12.66 -2.57 -17.61
C GLY A 115 -11.74 -1.40 -17.35
N TYR A 116 -12.04 -0.60 -16.34
CA TYR A 116 -11.28 0.62 -16.06
C TYR A 116 -11.05 0.79 -14.57
N VAL A 117 -9.79 0.99 -14.19
CA VAL A 117 -9.49 1.26 -12.77
C VAL A 117 -8.27 2.17 -12.67
N TYR A 118 -8.52 3.31 -12.04
CA TYR A 118 -7.67 4.48 -12.01
C TYR A 118 -7.25 4.91 -10.61
N ASN A 119 -5.95 4.80 -10.33
CA ASN A 119 -5.40 5.15 -9.03
C ASN A 119 -5.54 6.65 -8.78
N LEU A 120 -6.66 7.03 -8.20
CA LEU A 120 -7.00 8.42 -7.94
C LEU A 120 -5.87 9.20 -7.32
N ALA A 121 -5.00 8.55 -6.54
CA ALA A 121 -3.87 9.23 -5.91
C ALA A 121 -2.73 9.52 -6.87
N THR A 122 -2.28 8.54 -7.64
CA THR A 122 -1.11 8.67 -8.50
C THR A 122 -1.40 8.80 -9.99
N GLY A 123 -2.62 8.60 -10.45
CA GLY A 123 -2.90 8.70 -11.87
C GLY A 123 -2.66 7.41 -12.63
N ASP A 124 -2.33 6.32 -11.94
CA ASP A 124 -2.21 5.05 -12.65
C ASP A 124 -3.52 4.70 -13.35
N GLU A 125 -3.57 4.78 -14.67
CA GLU A 125 -4.79 4.37 -15.36
C GLU A 125 -4.64 2.96 -15.93
N TYR A 126 -5.31 2.01 -15.30
CA TYR A 126 -5.37 0.66 -15.84
C TYR A 126 -6.54 0.56 -16.80
N TYR A 127 -6.52 -0.36 -17.76
CA TYR A 127 -7.78 -0.56 -18.50
C TYR A 127 -7.68 -1.82 -19.36
N ALA A 128 -8.84 -2.29 -19.81
CA ALA A 128 -8.99 -3.44 -20.68
C ALA A 128 -10.02 -3.20 -21.78
N ASP A 129 -9.74 -3.76 -22.96
CA ASP A 129 -10.63 -3.76 -24.11
C ASP A 129 -10.20 -4.89 -25.06
N SER A 130 -10.76 -4.97 -26.25
CA SER A 130 -10.37 -6.03 -27.18
C SER A 130 -8.86 -6.07 -27.39
N SER A 131 -8.24 -4.91 -27.62
CA SER A 131 -6.81 -4.85 -27.90
C SER A 131 -5.95 -5.44 -26.79
N GLY A 132 -6.46 -5.59 -25.56
CA GLY A 132 -5.65 -6.15 -24.50
C GLY A 132 -5.60 -5.30 -23.24
N ALA A 133 -4.71 -5.65 -22.31
CA ALA A 133 -4.52 -4.97 -21.04
C ALA A 133 -3.42 -3.91 -21.10
N TYR A 134 -3.77 -2.73 -20.59
CA TYR A 134 -2.89 -1.59 -20.65
C TYR A 134 -2.65 -0.96 -19.28
N ARG A 135 -1.51 -0.30 -19.15
CA ARG A 135 -1.21 0.44 -17.93
C ARG A 135 -0.45 1.71 -18.29
N ASN A 136 -1.14 2.84 -18.12
CA ASN A 136 -0.51 4.10 -18.51
C ASN A 136 -0.12 4.07 -19.98
N GLY A 137 -0.94 3.39 -20.76
CA GLY A 137 -0.83 3.30 -22.20
C GLY A 137 0.12 2.21 -22.66
N GLU A 138 0.38 1.26 -21.77
CA GLU A 138 1.35 0.24 -22.10
C GLU A 138 0.81 -1.15 -21.79
N ARG A 139 0.69 -1.98 -22.81
CA ARG A 139 0.23 -3.36 -22.67
C ARG A 139 0.91 -4.05 -21.50
N ILE A 140 0.16 -4.83 -20.73
CA ILE A 140 0.71 -5.49 -19.56
C ILE A 140 0.33 -6.96 -19.55
N GLU A 141 0.86 -7.73 -18.60
CA GLU A 141 0.55 -9.16 -18.57
C GLU A 141 0.94 -9.75 -17.22
N VAL A 142 0.12 -10.69 -16.77
CA VAL A 142 0.35 -11.43 -15.56
C VAL A 142 1.71 -12.14 -15.63
N SER A 143 2.28 -12.43 -14.48
CA SER A 143 3.57 -13.08 -14.39
C SER A 143 3.59 -14.41 -15.13
N ASP A 144 4.60 -15.22 -14.82
CA ASP A 144 4.70 -16.58 -15.33
C ASP A 144 5.13 -17.51 -14.20
N ALA A 145 5.15 -16.96 -12.99
CA ALA A 145 5.54 -17.77 -11.84
C ALA A 145 4.67 -19.02 -11.75
N GLU A 146 5.27 -20.13 -11.31
CA GLU A 146 4.50 -21.36 -11.21
C GLU A 146 4.59 -21.96 -9.81
N GLU A 147 5.43 -21.39 -8.93
CA GLU A 147 5.45 -21.99 -7.60
C GLU A 147 4.68 -21.18 -6.58
N LEU A 148 4.30 -21.88 -5.52
CA LEU A 148 3.64 -21.41 -4.33
C LEU A 148 4.48 -20.35 -3.60
N TYR A 149 5.76 -20.30 -3.94
CA TYR A 149 6.71 -19.35 -3.39
C TYR A 149 6.69 -18.03 -4.16
N CYS A 150 5.52 -17.43 -4.32
CA CYS A 150 5.32 -16.18 -5.02
C CYS A 150 5.08 -15.00 -4.10
N ASN A 151 4.71 -13.88 -4.72
CA ASN A 151 4.25 -12.66 -4.09
C ASN A 151 2.73 -12.65 -4.06
N ALA A 152 2.16 -12.74 -2.86
CA ALA A 152 0.73 -12.97 -2.77
C ALA A 152 -0.03 -11.85 -2.06
N ILE A 153 -0.99 -11.26 -2.78
CA ILE A 153 -1.93 -10.32 -2.21
C ILE A 153 -3.11 -11.10 -1.65
N ILE A 154 -3.30 -11.09 -0.33
CA ILE A 154 -4.34 -11.96 0.21
C ILE A 154 -5.13 -11.37 1.38
N TYR A 155 -6.44 -11.49 1.23
CA TYR A 155 -7.53 -11.30 2.15
C TYR A 155 -8.08 -12.66 2.54
N TYR A 156 -7.65 -13.23 3.65
CA TYR A 156 -6.64 -12.75 4.57
C TYR A 156 -5.69 -13.89 4.94
N PRO A 157 -4.51 -13.57 5.43
CA PRO A 157 -3.61 -14.63 5.91
C PRO A 157 -4.02 -15.07 7.31
N ASP A 158 -4.96 -16.00 7.32
CA ASP A 158 -5.54 -16.63 8.48
C ASP A 158 -4.60 -17.67 9.08
N ARG A 159 -3.46 -17.90 8.40
CA ARG A 159 -2.58 -18.96 8.84
C ARG A 159 -1.17 -18.83 8.29
N LYS A 160 -0.47 -19.96 8.37
CA LYS A 160 0.85 -20.09 7.77
C LYS A 160 0.69 -20.45 6.29
N PHE A 161 1.24 -19.62 5.45
CA PHE A 161 1.25 -19.79 4.00
C PHE A 161 2.69 -19.89 3.48
N PRO A 162 2.85 -20.49 2.32
CA PRO A 162 4.19 -20.71 1.77
C PRO A 162 4.69 -19.57 0.90
N PHE A 163 3.83 -18.61 0.59
CA PHE A 163 4.18 -17.47 -0.26
C PHE A 163 5.52 -16.86 0.12
N LYS A 164 6.13 -16.17 -0.84
CA LYS A 164 7.44 -15.56 -0.65
C LYS A 164 7.28 -14.19 0.02
N ARG A 165 6.03 -13.73 0.08
CA ARG A 165 5.75 -12.46 0.74
C ARG A 165 4.26 -12.13 0.62
N MET A 166 3.73 -11.44 1.63
CA MET A 166 2.31 -11.11 1.62
C MET A 166 2.08 -9.61 1.75
N ARG A 167 1.20 -9.09 0.89
CA ARG A 167 0.85 -7.68 0.85
C ARG A 167 -0.67 -7.52 0.79
N ILE A 168 -1.16 -6.43 1.36
CA ILE A 168 -2.57 -6.10 1.48
C ILE A 168 -2.68 -4.57 1.50
N PHE A 169 -3.00 -3.98 0.36
CA PHE A 169 -3.08 -2.55 0.14
C PHE A 169 -4.48 -2.01 0.42
N GLY A 170 -5.47 -2.91 0.46
CA GLY A 170 -6.78 -2.43 0.88
C GLY A 170 -7.52 -1.67 -0.19
N SER A 171 -7.37 -2.12 -1.42
CA SER A 171 -8.17 -1.70 -2.56
C SER A 171 -8.17 -2.85 -3.57
N ALA A 172 -9.29 -3.57 -3.64
CA ALA A 172 -9.35 -4.71 -4.56
C ALA A 172 -9.01 -4.25 -5.97
N ALA A 173 -9.91 -3.45 -6.51
CA ALA A 173 -9.87 -2.83 -7.82
C ALA A 173 -8.46 -2.51 -8.29
N THR A 174 -7.61 -2.01 -7.40
CA THR A 174 -6.26 -1.64 -7.83
C THR A 174 -5.32 -2.83 -7.65
N GLU A 175 -5.65 -3.64 -6.65
CA GLU A 175 -4.76 -4.76 -6.33
C GLU A 175 -4.94 -5.88 -7.33
N LEU A 176 -6.02 -5.80 -8.09
CA LEU A 176 -6.20 -6.80 -9.14
C LEU A 176 -5.27 -6.39 -10.27
N CYS A 177 -5.13 -5.08 -10.46
CA CYS A 177 -4.22 -4.62 -11.51
C CYS A 177 -2.77 -4.89 -11.15
N PHE A 178 -2.43 -4.95 -9.86
CA PHE A 178 -1.05 -5.31 -9.52
C PHE A 178 -0.80 -6.77 -9.85
N PHE A 179 -1.88 -7.53 -10.05
CA PHE A 179 -1.77 -8.90 -10.51
C PHE A 179 -1.97 -8.94 -12.03
N ALA A 180 -2.93 -8.15 -12.50
CA ALA A 180 -3.19 -8.05 -13.93
C ALA A 180 -1.89 -7.73 -14.65
N ASP A 181 -1.25 -6.66 -14.19
CA ASP A 181 0.05 -6.22 -14.65
C ASP A 181 1.17 -7.13 -14.14
N GLY A 182 0.78 -8.12 -13.34
CA GLY A 182 1.69 -9.09 -12.75
C GLY A 182 2.70 -8.50 -11.80
N SER A 183 2.46 -7.28 -11.31
CA SER A 183 3.38 -6.68 -10.34
C SER A 183 3.56 -7.63 -9.15
N PHE A 184 2.45 -8.28 -8.82
CA PHE A 184 2.38 -9.42 -7.93
C PHE A 184 1.97 -10.65 -8.74
N ASP A 185 2.33 -11.85 -8.27
CA ASP A 185 1.98 -13.03 -9.05
C ASP A 185 0.59 -13.55 -8.69
N CYS A 186 0.09 -13.27 -7.48
CA CYS A 186 -1.27 -13.79 -7.18
C CYS A 186 -2.09 -12.89 -6.27
N PHE A 187 -3.37 -12.79 -6.61
CA PHE A 187 -4.41 -12.07 -5.90
C PHE A 187 -5.47 -13.05 -5.38
N LEU A 188 -5.55 -13.18 -4.07
CA LEU A 188 -6.51 -14.06 -3.42
C LEU A 188 -7.42 -13.30 -2.46
N ASP A 189 -8.73 -13.32 -2.70
CA ASP A 189 -9.63 -12.76 -1.70
C ASP A 189 -10.49 -13.90 -1.15
N ILE A 190 -9.83 -14.70 -0.30
CA ILE A 190 -10.45 -15.90 0.22
C ILE A 190 -10.99 -15.68 1.62
N ARG A 191 -11.72 -14.57 1.76
CA ARG A 191 -12.47 -14.31 2.97
C ARG A 191 -13.62 -15.30 3.08
N PRO A 192 -13.71 -16.03 4.19
CA PRO A 192 -14.79 -17.00 4.41
C PRO A 192 -16.16 -16.41 4.11
N GLY A 193 -16.49 -15.25 4.70
CA GLY A 193 -17.74 -14.63 4.28
C GLY A 193 -17.54 -14.00 2.91
N LYS A 194 -18.24 -14.44 1.88
CA LYS A 194 -18.13 -13.85 0.55
C LYS A 194 -18.36 -12.35 0.67
N MET A 195 -17.29 -11.58 0.88
CA MET A 195 -17.36 -10.17 1.20
C MET A 195 -17.31 -9.23 0.00
N LEU A 196 -16.44 -9.54 -0.97
CA LEU A 196 -16.32 -8.66 -2.13
C LEU A 196 -17.66 -8.54 -2.86
N ARG A 197 -17.87 -7.35 -3.39
CA ARG A 197 -19.07 -6.93 -4.08
C ARG A 197 -18.76 -6.64 -5.54
N ILE A 198 -19.76 -6.62 -6.41
CA ILE A 198 -19.47 -6.62 -7.84
C ILE A 198 -18.59 -5.46 -8.28
N TYR A 199 -18.77 -4.30 -7.63
CA TYR A 199 -18.14 -3.07 -8.11
C TYR A 199 -16.69 -3.00 -7.66
N ASP A 200 -16.30 -3.88 -6.75
CA ASP A 200 -14.89 -4.06 -6.42
C ASP A 200 -14.20 -4.96 -7.44
N ALA A 201 -14.87 -6.02 -7.90
CA ALA A 201 -14.24 -7.02 -8.75
C ALA A 201 -14.38 -6.88 -10.26
N ALA A 202 -15.41 -6.24 -10.79
CA ALA A 202 -15.67 -6.25 -12.22
C ALA A 202 -14.52 -5.78 -13.09
N ALA A 203 -14.11 -4.51 -12.95
CA ALA A 203 -13.01 -4.01 -13.77
C ALA A 203 -11.74 -4.85 -13.60
N GLY A 204 -11.50 -5.32 -12.39
CA GLY A 204 -10.31 -6.07 -12.05
C GLY A 204 -10.23 -7.43 -12.72
N VAL A 205 -11.28 -8.24 -12.56
CA VAL A 205 -11.39 -9.55 -13.19
C VAL A 205 -11.20 -9.44 -14.70
N PHE A 206 -12.00 -8.58 -15.32
CA PHE A 206 -11.85 -8.38 -16.77
C PHE A 206 -10.44 -7.97 -17.12
N ILE A 207 -9.92 -6.95 -16.44
CA ILE A 207 -8.62 -6.39 -16.79
C ILE A 207 -7.50 -7.42 -16.69
N ALA A 208 -7.53 -8.18 -15.61
CA ALA A 208 -6.52 -9.20 -15.34
C ALA A 208 -6.79 -10.44 -16.20
N GLU A 209 -8.05 -10.79 -16.39
CA GLU A 209 -8.40 -11.91 -17.24
C GLU A 209 -7.81 -11.69 -18.64
N LYS A 210 -7.76 -10.43 -19.03
CA LYS A 210 -7.21 -9.97 -20.28
C LYS A 210 -5.70 -9.92 -20.22
N ALA A 211 -5.13 -9.71 -19.03
CA ALA A 211 -3.68 -9.62 -18.94
C ALA A 211 -3.03 -10.99 -19.13
N GLY A 212 -3.88 -12.01 -19.10
CA GLY A 212 -3.51 -13.41 -19.24
C GLY A 212 -4.01 -14.16 -18.00
N GLY A 213 -4.44 -13.33 -17.05
CA GLY A 213 -4.90 -13.86 -15.78
C GLY A 213 -5.97 -14.92 -15.98
N LYS A 214 -5.98 -15.88 -15.07
CA LYS A 214 -7.05 -16.85 -14.93
C LYS A 214 -7.73 -16.54 -13.60
N VAL A 215 -9.02 -16.24 -13.66
CA VAL A 215 -9.75 -15.69 -12.52
C VAL A 215 -11.04 -16.45 -12.23
N THR A 216 -11.18 -16.92 -10.99
CA THR A 216 -12.32 -17.76 -10.68
C THR A 216 -12.85 -17.52 -9.28
N GLU A 217 -14.09 -17.96 -9.06
CA GLU A 217 -14.64 -17.98 -7.70
C GLU A 217 -13.77 -18.90 -6.85
N LEU A 218 -14.04 -18.96 -5.56
CA LEU A 218 -13.12 -19.63 -4.65
C LEU A 218 -12.81 -21.07 -5.03
N ASP A 219 -13.85 -21.79 -5.40
CA ASP A 219 -13.81 -23.21 -5.73
C ASP A 219 -13.33 -23.42 -7.16
N GLY A 220 -13.34 -22.33 -7.93
CA GLY A 220 -12.93 -22.43 -9.33
C GLY A 220 -14.08 -22.24 -10.29
N GLU A 221 -15.31 -22.14 -9.81
CA GLU A 221 -16.43 -21.85 -10.71
C GLU A 221 -16.14 -20.63 -11.56
N SER A 222 -16.66 -20.61 -12.79
CA SER A 222 -16.43 -19.39 -13.58
C SER A 222 -17.22 -18.24 -12.95
N LEU A 223 -16.73 -17.02 -13.11
CA LEU A 223 -17.42 -15.84 -12.60
C LEU A 223 -18.37 -15.23 -13.62
N GLY A 224 -18.48 -15.87 -14.79
CA GLY A 224 -19.23 -15.24 -15.86
C GLY A 224 -20.68 -15.05 -15.52
N ASN A 225 -21.15 -15.82 -14.55
CA ASN A 225 -22.56 -15.70 -14.16
C ASN A 225 -22.73 -14.57 -13.13
N LYS A 226 -21.61 -14.13 -12.58
CA LYS A 226 -21.57 -13.02 -11.62
C LYS A 226 -22.40 -11.85 -12.16
N LYS A 227 -23.44 -11.53 -11.39
CA LYS A 227 -24.43 -10.58 -11.89
C LYS A 227 -24.24 -9.20 -11.27
N PHE A 228 -24.43 -8.19 -12.10
CA PHE A 228 -24.31 -6.78 -11.82
C PHE A 228 -25.42 -6.27 -10.91
N ASP A 229 -25.34 -6.61 -9.63
CA ASP A 229 -26.34 -6.01 -8.74
C ASP A 229 -25.75 -5.78 -7.36
N MET A 230 -26.62 -5.40 -6.45
CA MET A 230 -26.29 -4.98 -5.10
C MET A 230 -26.07 -6.14 -4.16
N GLN A 231 -26.52 -7.35 -4.51
CA GLN A 231 -26.42 -8.43 -3.53
C GLN A 231 -25.33 -9.44 -3.84
N GLU A 232 -24.78 -9.51 -5.05
CA GLU A 232 -23.79 -10.58 -5.22
C GLU A 232 -22.55 -10.31 -4.36
N ARG A 233 -21.80 -11.36 -4.10
CA ARG A 233 -20.59 -11.43 -3.33
C ARG A 233 -19.58 -12.32 -4.01
N LEU A 234 -18.28 -12.03 -3.95
CA LEU A 234 -17.38 -12.92 -4.68
C LEU A 234 -16.16 -13.30 -3.85
N ASN A 235 -15.73 -14.55 -3.93
CA ASN A 235 -14.38 -14.93 -3.53
C ASN A 235 -13.52 -14.91 -4.80
N ILE A 236 -12.21 -14.70 -4.75
CA ILE A 236 -11.49 -14.57 -6.02
C ILE A 236 -10.10 -15.17 -5.96
N VAL A 237 -9.90 -16.23 -6.74
CA VAL A 237 -8.59 -16.88 -6.81
C VAL A 237 -7.94 -16.60 -8.17
N ALA A 238 -7.17 -15.52 -8.23
CA ALA A 238 -6.53 -15.17 -9.49
C ALA A 238 -5.07 -15.56 -9.54
N ALA A 239 -4.68 -16.13 -10.67
CA ALA A 239 -3.30 -16.59 -10.81
C ALA A 239 -3.01 -17.01 -12.24
N ASN A 240 -1.75 -16.97 -12.66
CA ASN A 240 -1.48 -17.41 -14.04
C ASN A 240 -1.89 -18.87 -14.17
N GLU A 241 -2.08 -19.31 -15.40
CA GLU A 241 -2.50 -20.67 -15.74
C GLU A 241 -1.81 -21.72 -14.88
N LYS A 242 -0.49 -21.57 -14.72
CA LYS A 242 0.28 -22.59 -14.01
C LYS A 242 0.05 -22.54 -12.50
N LEU A 243 0.03 -21.33 -11.96
CA LEU A 243 -0.06 -21.19 -10.50
C LEU A 243 -1.46 -21.49 -10.00
N HIS A 244 -2.47 -20.99 -10.69
CA HIS A 244 -3.86 -20.98 -10.24
C HIS A 244 -4.30 -22.30 -9.62
N PRO A 245 -4.17 -23.41 -10.30
CA PRO A 245 -4.71 -24.66 -9.73
C PRO A 245 -3.96 -25.00 -8.45
N LYS A 246 -2.72 -24.52 -8.38
CA LYS A 246 -1.91 -24.77 -7.19
C LYS A 246 -2.59 -24.16 -5.96
N LEU A 247 -3.11 -22.96 -6.15
CA LEU A 247 -3.79 -22.19 -5.12
C LEU A 247 -5.17 -22.74 -4.83
N LEU A 248 -5.86 -23.27 -5.85
CA LEU A 248 -7.20 -23.79 -5.59
C LEU A 248 -7.17 -24.92 -4.57
N GLU A 249 -6.03 -25.59 -4.43
CA GLU A 249 -5.88 -26.67 -3.47
C GLU A 249 -5.34 -26.19 -2.13
N LEU A 250 -4.29 -25.37 -2.19
CA LEU A 250 -3.62 -24.89 -0.99
C LEU A 250 -4.62 -24.29 -0.01
N ILE A 251 -5.60 -23.56 -0.55
CA ILE A 251 -6.58 -22.92 0.32
C ILE A 251 -7.74 -23.85 0.65
N LYS A 252 -7.89 -24.95 -0.09
CA LYS A 252 -9.01 -25.85 0.13
C LYS A 252 -9.09 -26.30 1.57
N MET B 1 26.99 18.34 15.42
CA MET B 1 25.80 18.47 14.61
C MET B 1 24.52 18.69 15.42
N ASP B 2 23.57 19.45 14.88
CA ASP B 2 22.32 19.64 15.60
C ASP B 2 21.11 19.06 14.85
N GLU B 3 20.01 18.93 15.56
CA GLU B 3 18.75 18.37 15.09
C GLU B 3 18.13 19.25 14.01
N ARG B 4 18.66 20.44 13.85
CA ARG B 4 18.28 21.34 12.75
C ARG B 4 19.06 20.94 11.49
N ASP B 5 20.32 20.58 11.72
CA ASP B 5 21.23 20.05 10.73
C ASP B 5 20.66 18.81 10.03
N ALA B 6 20.20 17.88 10.84
CA ALA B 6 19.68 16.60 10.37
C ALA B 6 18.55 16.82 9.37
N LEU B 7 17.71 17.80 9.66
CA LEU B 7 16.64 18.11 8.71
C LEU B 7 17.26 18.60 7.40
N ARG B 8 18.11 19.61 7.57
CA ARG B 8 18.82 20.25 6.47
C ARG B 8 19.43 19.19 5.55
N ILE B 9 20.18 18.28 6.15
CA ILE B 9 20.84 17.20 5.43
C ILE B 9 19.85 16.17 4.91
N SER B 10 18.87 15.83 5.75
CA SER B 10 17.84 14.87 5.41
C SER B 10 17.03 15.34 4.21
N ARG B 11 16.77 16.64 4.14
CA ARG B 11 16.01 17.19 3.03
C ARG B 11 16.86 17.28 1.76
N GLU B 12 18.15 17.55 1.86
CA GLU B 12 18.99 17.56 0.66
C GLU B 12 18.96 16.15 0.05
N ILE B 13 19.45 15.20 0.85
CA ILE B 13 19.40 13.80 0.42
C ILE B 13 18.04 13.35 -0.08
N ALA B 14 16.95 13.80 0.55
CA ALA B 14 15.63 13.37 0.09
C ALA B 14 15.37 13.81 -1.34
N GLY B 15 15.73 15.05 -1.65
CA GLY B 15 15.50 15.61 -2.97
C GLY B 15 16.33 14.89 -4.02
N GLU B 16 17.64 14.88 -3.78
CA GLU B 16 18.57 14.13 -4.60
C GLU B 16 18.03 12.72 -4.80
N VAL B 17 17.83 12.04 -3.67
CA VAL B 17 17.42 10.64 -3.76
C VAL B 17 16.13 10.49 -4.53
N ARG B 18 15.14 11.35 -4.33
CA ARG B 18 13.88 11.19 -5.05
C ARG B 18 14.06 11.21 -6.57
N LYS B 19 14.82 12.19 -7.06
CA LYS B 19 14.92 12.42 -8.50
C LYS B 19 15.64 11.28 -9.23
N ALA B 20 16.73 10.79 -8.67
CA ALA B 20 17.53 9.74 -9.27
C ALA B 20 16.64 8.55 -9.67
N ILE B 21 15.72 8.28 -8.77
CA ILE B 21 14.78 7.18 -8.92
C ILE B 21 13.61 7.58 -9.82
N ALA B 22 13.18 8.84 -9.68
CA ALA B 22 12.05 9.29 -10.48
C ALA B 22 12.32 9.08 -11.97
N SER B 23 13.58 9.21 -12.35
CA SER B 23 13.98 9.11 -13.75
C SER B 23 14.41 7.70 -14.13
N MET B 24 14.11 6.71 -13.28
CA MET B 24 14.60 5.38 -13.60
C MET B 24 13.46 4.39 -13.83
N PRO B 25 13.25 4.09 -15.10
CA PRO B 25 12.22 3.17 -15.56
C PRO B 25 12.20 1.88 -14.75
N LEU B 26 10.99 1.37 -14.54
CA LEU B 26 10.74 0.15 -13.79
C LEU B 26 11.57 -1.01 -14.32
N ARG B 27 11.84 -1.06 -15.63
CA ARG B 27 12.67 -2.13 -16.16
C ARG B 27 14.08 -2.01 -15.58
N GLU B 28 14.59 -0.79 -15.55
CA GLU B 28 15.87 -0.43 -14.98
C GLU B 28 15.90 -0.59 -13.46
N ARG B 29 14.75 -0.39 -12.80
CA ARG B 29 14.80 -0.45 -11.34
C ARG B 29 15.07 -1.86 -10.83
N VAL B 30 14.41 -2.85 -11.41
CA VAL B 30 14.36 -4.22 -10.94
C VAL B 30 15.56 -5.07 -11.30
N LYS B 31 16.55 -4.55 -12.05
CA LYS B 31 17.68 -5.43 -12.35
C LYS B 31 18.61 -5.61 -11.16
N ASP B 32 18.88 -6.85 -10.76
CA ASP B 32 19.98 -7.02 -9.80
C ASP B 32 21.31 -6.74 -10.52
N VAL B 33 22.18 -6.06 -9.80
CA VAL B 33 23.44 -5.51 -10.28
C VAL B 33 24.56 -5.72 -9.27
N GLY B 34 24.24 -6.34 -8.12
CA GLY B 34 25.24 -6.64 -7.12
C GLY B 34 24.66 -7.28 -5.88
N MET B 35 25.54 -7.54 -4.91
CA MET B 35 25.15 -8.06 -3.61
C MET B 35 25.63 -7.09 -2.53
N GLY B 36 24.76 -6.87 -1.55
CA GLY B 36 25.05 -5.86 -0.56
C GLY B 36 25.91 -6.30 0.60
N LYS B 37 26.52 -5.33 1.28
CA LYS B 37 27.12 -5.64 2.58
C LYS B 37 26.11 -6.33 3.48
N ASP B 38 24.83 -5.98 3.37
CA ASP B 38 23.79 -6.65 4.14
C ASP B 38 23.63 -8.13 3.77
N GLY B 39 24.28 -8.57 2.69
CA GLY B 39 24.15 -9.96 2.32
C GLY B 39 22.90 -10.28 1.52
N THR B 40 22.28 -9.25 0.96
CA THR B 40 21.11 -9.41 0.08
C THR B 40 21.47 -8.84 -1.28
N PRO B 41 20.69 -9.11 -2.30
CA PRO B 41 21.07 -8.57 -3.62
C PRO B 41 20.91 -7.06 -3.62
N THR B 42 21.59 -6.42 -4.58
CA THR B 42 21.42 -5.00 -4.84
C THR B 42 20.59 -4.85 -6.10
N LYS B 43 19.50 -4.09 -6.05
CA LYS B 43 18.70 -3.79 -7.24
C LYS B 43 19.26 -2.53 -7.88
N ALA B 44 18.92 -2.21 -9.13
CA ALA B 44 19.60 -1.05 -9.72
C ALA B 44 19.20 0.24 -9.01
N ALA B 45 17.95 0.31 -8.60
CA ALA B 45 17.44 1.49 -7.89
C ALA B 45 18.22 1.71 -6.59
N ASP B 46 18.33 0.64 -5.83
CA ASP B 46 19.08 0.60 -4.57
C ASP B 46 20.41 1.31 -4.78
N ARG B 47 21.10 0.84 -5.81
CA ARG B 47 22.36 1.44 -6.21
C ARG B 47 22.25 2.95 -6.31
N VAL B 48 21.49 3.44 -7.28
CA VAL B 48 21.40 4.89 -7.46
C VAL B 48 20.97 5.59 -6.18
N ALA B 49 20.04 4.98 -5.45
CA ALA B 49 19.57 5.63 -4.22
C ALA B 49 20.75 5.85 -3.27
N GLU B 50 21.48 4.78 -2.97
CA GLU B 50 22.62 4.88 -2.07
C GLU B 50 23.55 6.01 -2.47
N ASP B 51 24.03 5.90 -3.70
CA ASP B 51 25.00 6.84 -4.24
C ASP B 51 24.52 8.26 -4.07
N ALA B 52 23.22 8.48 -4.32
CA ALA B 52 22.71 9.84 -4.10
C ALA B 52 22.73 10.17 -2.61
N ALA B 53 22.08 9.32 -1.83
CA ALA B 53 22.02 9.53 -0.39
C ALA B 53 23.41 9.65 0.21
N LEU B 54 24.39 9.00 -0.40
CA LEU B 54 25.73 8.92 0.18
C LEU B 54 26.67 9.98 -0.34
N GLU B 55 26.28 10.70 -1.39
CA GLU B 55 27.19 11.76 -1.82
C GLU B 55 27.13 12.89 -0.80
N ILE B 56 25.94 13.14 -0.26
CA ILE B 56 25.74 14.18 0.73
C ILE B 56 26.29 13.79 2.10
N LEU B 57 25.76 12.73 2.69
CA LEU B 57 26.06 12.34 4.07
C LEU B 57 27.53 11.96 4.26
N ARG B 58 28.29 11.85 3.18
CA ARG B 58 29.73 11.66 3.24
C ARG B 58 30.39 13.03 3.26
N LYS B 59 29.68 14.02 2.71
CA LYS B 59 30.23 15.38 2.77
C LYS B 59 30.31 15.79 4.24
N GLU B 60 29.42 15.23 5.04
CA GLU B 60 29.39 15.46 6.48
C GLU B 60 30.29 14.49 7.22
N ARG B 61 30.34 14.61 8.56
CA ARG B 61 31.17 13.73 9.35
C ARG B 61 30.31 12.99 10.39
N VAL B 62 29.95 11.78 10.02
CA VAL B 62 29.14 10.84 10.74
C VAL B 62 29.66 9.42 10.52
N THR B 63 29.09 8.46 11.23
CA THR B 63 29.35 7.06 10.96
C THR B 63 28.06 6.47 10.41
N VAL B 64 27.91 6.47 9.09
CA VAL B 64 26.62 6.06 8.52
C VAL B 64 26.60 4.57 8.20
N VAL B 65 25.55 3.92 8.70
CA VAL B 65 25.26 2.52 8.57
C VAL B 65 24.31 2.24 7.42
N THR B 66 24.80 1.61 6.33
CA THR B 66 23.93 1.33 5.20
C THR B 66 24.06 -0.12 4.72
N GLU B 67 23.07 -0.49 3.94
CA GLU B 67 22.86 -1.77 3.30
C GLU B 67 23.94 -2.13 2.30
N GLU B 68 23.85 -1.50 1.13
CA GLU B 68 24.81 -1.83 0.09
C GLU B 68 26.23 -1.54 0.56
N SER B 69 26.38 -0.50 1.39
CA SER B 69 27.76 -0.12 1.68
C SER B 69 28.21 -0.40 3.10
N GLY B 70 27.49 -1.14 3.94
CA GLY B 70 28.04 -1.46 5.25
C GLY B 70 28.27 -0.26 6.13
N VAL B 71 29.22 -0.34 7.07
CA VAL B 71 29.45 0.76 8.00
C VAL B 71 30.64 1.62 7.59
N LEU B 72 30.34 2.82 7.12
CA LEU B 72 31.35 3.76 6.66
C LEU B 72 31.43 4.96 7.62
N GLY B 73 32.62 5.55 7.72
CA GLY B 73 32.86 6.78 8.43
C GLY B 73 33.41 6.66 9.82
N GLU B 74 33.86 7.79 10.36
CA GLU B 74 34.43 7.83 11.71
C GLU B 74 33.58 8.70 12.65
N GLY B 75 32.70 9.49 12.06
CA GLY B 75 31.88 10.48 12.71
C GLY B 75 31.40 10.16 14.11
N ASP B 76 31.36 11.19 14.92
CA ASP B 76 30.87 11.21 16.29
C ASP B 76 29.46 10.63 16.39
N VAL B 77 28.59 11.19 15.57
CA VAL B 77 27.20 10.88 15.31
C VAL B 77 27.05 9.71 14.33
N PHE B 78 26.11 8.83 14.61
CA PHE B 78 25.72 7.66 13.83
C PHE B 78 24.41 7.87 13.08
N VAL B 79 24.42 7.57 11.78
CA VAL B 79 23.23 7.70 10.97
C VAL B 79 22.82 6.35 10.36
N ALA B 80 21.66 5.86 10.77
CA ALA B 80 21.05 4.68 10.16
C ALA B 80 20.16 5.16 9.00
N LEU B 81 20.70 4.93 7.80
CA LEU B 81 20.10 5.43 6.58
C LEU B 81 19.71 4.36 5.58
N ASP B 82 18.46 4.48 5.12
CA ASP B 82 18.06 3.64 4.01
C ASP B 82 17.48 4.50 2.90
N PRO B 83 18.09 4.52 1.73
CA PRO B 83 17.74 5.55 0.72
C PRO B 83 16.52 5.09 -0.08
N LEU B 84 16.16 3.82 0.07
CA LEU B 84 14.96 3.35 -0.61
C LEU B 84 14.29 2.18 0.10
N ASP B 85 13.49 2.42 1.14
CA ASP B 85 12.76 1.36 1.82
C ASP B 85 11.54 0.94 1.02
N GLY B 86 11.38 -0.35 0.76
CA GLY B 86 10.33 -0.91 -0.07
C GLY B 86 10.72 -1.02 -1.54
N THR B 87 11.94 -1.49 -1.82
CA THR B 87 12.41 -1.57 -3.20
C THR B 87 11.43 -2.33 -4.11
N PHE B 88 10.83 -3.41 -3.62
CA PHE B 88 9.85 -4.14 -4.41
C PHE B 88 8.66 -3.29 -4.83
N ASN B 89 8.33 -2.26 -4.06
CA ASN B 89 7.20 -1.41 -4.45
C ASN B 89 7.66 -0.45 -5.56
N ALA B 90 8.84 0.13 -5.32
CA ALA B 90 9.45 1.02 -6.30
C ALA B 90 9.65 0.27 -7.62
N THR B 91 10.27 -0.92 -7.52
CA THR B 91 10.56 -1.72 -8.71
C THR B 91 9.24 -1.89 -9.48
N ARG B 92 8.16 -2.08 -8.73
CA ARG B 92 6.81 -2.18 -9.27
C ARG B 92 6.22 -0.81 -9.62
N GLY B 93 6.85 0.27 -9.14
CA GLY B 93 6.20 1.58 -9.31
C GLY B 93 5.00 1.70 -8.39
N ILE B 94 4.90 0.83 -7.39
CA ILE B 94 3.82 1.00 -6.38
C ILE B 94 4.32 1.98 -5.32
N PRO B 95 3.57 3.05 -5.11
CA PRO B 95 4.03 4.27 -4.44
C PRO B 95 4.12 4.19 -2.94
N VAL B 96 4.84 3.20 -2.43
CA VAL B 96 5.10 3.11 -1.00
C VAL B 96 6.54 2.65 -0.79
N TYR B 97 7.45 3.62 -0.87
CA TYR B 97 8.87 3.45 -0.62
C TYR B 97 9.48 4.81 -0.29
N SER B 98 10.40 4.88 0.66
CA SER B 98 10.91 6.17 1.10
C SER B 98 12.38 6.14 1.54
N VAL B 99 12.91 7.32 1.86
CA VAL B 99 14.23 7.47 2.46
C VAL B 99 14.08 7.58 3.98
N SER B 100 15.01 7.00 4.73
CA SER B 100 14.79 6.91 6.18
C SER B 100 16.07 7.15 6.97
N LEU B 101 16.29 8.42 7.29
CA LEU B 101 17.47 8.84 8.02
C LEU B 101 17.19 8.95 9.53
N CYS B 102 18.01 8.25 10.30
CA CYS B 102 18.01 8.32 11.75
C CYS B 102 19.43 8.61 12.25
N PHE B 103 19.56 9.71 12.96
CA PHE B 103 20.80 10.22 13.52
C PHE B 103 20.73 10.11 15.04
N SER B 104 21.85 9.86 15.68
CA SER B 104 21.99 9.62 17.12
C SER B 104 23.31 10.17 17.62
N TYR B 105 23.37 10.68 18.85
CA TYR B 105 24.64 11.22 19.34
C TYR B 105 25.55 10.06 19.75
N SER B 106 24.96 8.87 19.79
CA SER B 106 25.74 7.71 20.17
C SER B 106 25.44 6.49 19.29
N ASP B 107 26.06 5.39 19.69
CA ASP B 107 26.01 4.09 19.06
C ASP B 107 24.63 3.47 19.13
N LYS B 108 23.84 3.83 20.14
CA LYS B 108 22.54 3.20 20.31
C LYS B 108 21.37 4.14 20.03
N LEU B 109 20.25 3.46 19.76
CA LEU B 109 18.98 4.08 19.41
C LEU B 109 18.54 5.07 20.49
N LYS B 110 18.95 4.77 21.72
CA LYS B 110 18.60 5.60 22.86
C LYS B 110 19.03 7.05 22.65
N ASP B 111 20.13 7.23 21.94
CA ASP B 111 20.67 8.57 21.75
C ASP B 111 20.36 9.17 20.38
N ALA B 112 19.18 8.88 19.86
CA ALA B 112 18.54 9.39 18.68
C ALA B 112 18.10 10.83 18.83
N PHE B 113 18.34 11.69 17.82
CA PHE B 113 17.99 13.09 18.03
C PHE B 113 17.27 13.67 16.80
N PHE B 114 16.91 12.80 15.88
CA PHE B 114 16.15 13.20 14.69
C PHE B 114 15.77 11.93 13.91
N GLY B 115 14.55 11.91 13.40
CA GLY B 115 14.00 10.85 12.58
C GLY B 115 13.42 11.42 11.29
N TYR B 116 13.51 10.68 10.19
CA TYR B 116 13.10 11.27 8.92
C TYR B 116 12.82 10.22 7.85
N VAL B 117 11.55 10.07 7.51
CA VAL B 117 11.08 9.25 6.39
C VAL B 117 10.44 10.12 5.32
N TYR B 118 10.86 9.99 4.07
CA TYR B 118 10.27 10.80 2.99
C TYR B 118 9.74 9.94 1.87
N ASN B 119 8.45 9.94 1.57
CA ASN B 119 7.97 9.13 0.46
C ASN B 119 8.43 9.74 -0.86
N LEU B 120 9.17 8.93 -1.63
CA LEU B 120 9.77 9.34 -2.88
C LEU B 120 8.85 9.12 -4.07
N ALA B 121 7.69 8.54 -3.84
CA ALA B 121 6.64 8.44 -4.84
C ALA B 121 5.61 9.54 -4.64
N THR B 122 5.50 10.04 -3.41
CA THR B 122 4.49 11.05 -3.10
C THR B 122 5.11 12.39 -2.73
N GLY B 123 6.34 12.32 -2.21
CA GLY B 123 7.00 13.50 -1.70
C GLY B 123 6.42 13.89 -0.34
N ASP B 124 5.69 12.96 0.27
CA ASP B 124 5.17 13.20 1.63
C ASP B 124 6.32 13.27 2.61
N GLU B 125 6.20 14.05 3.69
CA GLU B 125 7.37 14.15 4.57
C GLU B 125 7.06 13.90 6.04
N TYR B 126 7.78 12.95 6.61
CA TYR B 126 7.69 12.57 8.00
C TYR B 126 9.07 12.71 8.66
N TYR B 127 9.07 13.43 9.77
CA TYR B 127 10.21 13.61 10.64
C TYR B 127 9.75 14.02 12.04
N ALA B 128 10.76 14.09 12.91
CA ALA B 128 10.50 14.46 14.28
C ALA B 128 11.82 14.80 14.98
N ASP B 129 11.84 15.97 15.60
CA ASP B 129 13.01 16.39 16.37
C ASP B 129 12.63 16.44 17.84
N SER B 130 13.28 17.28 18.64
CA SER B 130 12.86 17.33 20.04
C SER B 130 11.69 18.30 20.22
N SER B 131 10.99 18.57 19.13
CA SER B 131 9.86 19.49 19.11
C SER B 131 8.67 18.87 18.38
N GLY B 132 8.48 17.56 18.54
CA GLY B 132 7.38 16.83 17.96
C GLY B 132 7.75 16.06 16.70
N ALA B 133 6.75 15.43 16.11
CA ALA B 133 6.72 14.67 14.88
C ALA B 133 5.81 15.33 13.85
N TYR B 134 6.23 15.34 12.57
CA TYR B 134 5.42 16.01 11.55
C TYR B 134 5.12 15.18 10.32
N ARG B 135 3.95 15.40 9.72
CA ARG B 135 3.68 14.90 8.38
C ARG B 135 3.49 16.12 7.47
N ASN B 136 4.52 16.40 6.68
CA ASN B 136 4.56 17.54 5.79
C ASN B 136 4.22 18.86 6.48
N GLY B 137 5.09 19.32 7.37
CA GLY B 137 4.90 20.63 7.97
C GLY B 137 4.01 20.67 9.18
N GLU B 138 2.87 19.96 9.16
CA GLU B 138 2.01 19.95 10.33
C GLU B 138 2.39 18.79 11.24
N ARG B 139 2.36 19.06 12.54
CA ARG B 139 2.71 18.09 13.57
C ARG B 139 1.70 16.96 13.62
N ILE B 140 2.14 15.77 14.00
CA ILE B 140 1.31 14.58 14.12
C ILE B 140 1.37 14.00 15.54
N GLU B 141 0.43 13.11 15.81
CA GLU B 141 0.26 12.41 17.08
C GLU B 141 -0.50 11.12 16.82
N VAL B 142 -0.20 10.09 17.60
CA VAL B 142 -0.82 8.79 17.30
C VAL B 142 -2.32 8.82 17.48
N SER B 143 -2.91 7.72 17.94
CA SER B 143 -4.37 7.64 17.97
C SER B 143 -4.90 7.10 19.30
N ASP B 144 -6.10 7.57 19.62
CA ASP B 144 -6.74 7.26 20.89
C ASP B 144 -7.34 5.86 20.89
N ALA B 145 -7.01 5.05 19.88
CA ALA B 145 -7.58 3.71 19.79
C ALA B 145 -7.31 2.95 21.10
N GLU B 146 -8.42 2.56 21.72
CA GLU B 146 -8.43 1.93 23.03
C GLU B 146 -8.58 0.43 22.95
N GLU B 147 -9.21 -0.12 21.90
CA GLU B 147 -9.32 -1.59 21.91
C GLU B 147 -8.66 -2.23 20.70
N LEU B 148 -8.60 -3.55 20.72
CA LEU B 148 -7.93 -4.36 19.71
C LEU B 148 -8.64 -4.35 18.37
N TYR B 149 -9.97 -4.37 18.42
CA TYR B 149 -10.74 -4.18 17.18
C TYR B 149 -10.41 -2.76 16.69
N CYS B 150 -9.30 -2.68 15.97
CA CYS B 150 -8.63 -1.47 15.56
C CYS B 150 -7.99 -1.64 14.19
N ASN B 151 -7.74 -0.56 13.44
CA ASN B 151 -7.03 -0.73 12.17
C ASN B 151 -5.52 -0.90 12.42
N ALA B 152 -5.02 -2.11 12.20
CA ALA B 152 -3.60 -2.36 12.42
C ALA B 152 -2.87 -2.86 11.14
N ILE B 153 -1.55 -2.71 11.20
CA ILE B 153 -0.60 -3.22 10.17
C ILE B 153 0.16 -4.37 10.86
N ILE B 154 0.37 -5.51 10.20
CA ILE B 154 1.08 -6.64 10.86
C ILE B 154 1.96 -7.42 9.88
N TYR B 155 3.07 -7.92 10.40
CA TYR B 155 4.04 -8.77 9.72
C TYR B 155 4.31 -10.05 10.51
N TYR B 156 3.64 -11.14 10.23
CA TYR B 156 2.56 -11.40 9.30
C TYR B 156 1.39 -12.05 10.03
N PRO B 157 0.16 -11.82 9.60
CA PRO B 157 -0.97 -12.52 10.24
C PRO B 157 -0.83 -14.02 10.03
N ASP B 158 -1.05 -14.77 11.09
CA ASP B 158 -0.89 -16.20 11.17
C ASP B 158 -2.15 -16.92 11.61
N ARG B 159 -3.11 -16.17 12.14
CA ARG B 159 -4.36 -16.72 12.61
C ARG B 159 -5.41 -15.62 12.85
N LYS B 160 -6.48 -16.04 13.50
CA LYS B 160 -7.59 -15.16 13.86
C LYS B 160 -7.05 -13.86 14.45
N PHE B 161 -7.60 -12.73 13.99
CA PHE B 161 -7.13 -11.47 14.55
C PHE B 161 -8.28 -10.48 14.60
N PRO B 162 -8.51 -10.02 15.84
CA PRO B 162 -9.66 -9.20 16.18
C PRO B 162 -9.70 -7.86 15.44
N PHE B 163 -8.61 -7.51 14.79
CA PHE B 163 -8.40 -6.17 14.24
C PHE B 163 -9.54 -5.69 13.35
N LYS B 164 -9.80 -4.39 13.43
CA LYS B 164 -10.75 -3.79 12.47
C LYS B 164 -10.26 -4.12 11.07
N ARG B 165 -9.00 -3.80 10.80
CA ARG B 165 -8.37 -4.23 9.56
C ARG B 165 -6.87 -4.44 9.75
N MET B 166 -6.33 -5.32 8.94
CA MET B 166 -4.89 -5.54 8.86
C MET B 166 -4.39 -5.08 7.49
N ARG B 167 -3.13 -4.70 7.42
CA ARG B 167 -2.46 -4.23 6.23
C ARG B 167 -0.98 -4.61 6.22
N ILE B 168 -0.43 -4.71 5.02
CA ILE B 168 0.96 -4.98 4.70
C ILE B 168 1.31 -4.26 3.39
N PHE B 169 1.96 -3.12 3.52
CA PHE B 169 2.22 -2.18 2.45
C PHE B 169 3.62 -2.29 1.85
N GLY B 170 4.55 -2.91 2.57
CA GLY B 170 5.88 -3.17 2.07
C GLY B 170 6.97 -2.15 2.34
N SER B 171 6.85 -1.31 3.34
CA SER B 171 7.83 -0.33 3.78
C SER B 171 7.72 -0.04 5.28
N ALA B 172 8.21 -0.95 6.12
CA ALA B 172 8.15 -0.84 7.58
C ALA B 172 8.51 0.55 8.08
N ALA B 173 9.43 1.21 7.38
CA ALA B 173 9.73 2.58 7.77
C ALA B 173 8.46 3.41 7.50
N THR B 174 7.96 3.31 6.28
CA THR B 174 6.83 4.16 5.91
C THR B 174 5.68 3.86 6.87
N GLU B 175 5.50 2.56 7.01
CA GLU B 175 4.39 2.03 7.81
C GLU B 175 4.42 2.56 9.23
N LEU B 176 5.58 2.52 9.87
CA LEU B 176 5.78 3.01 11.22
C LEU B 176 5.41 4.49 11.31
N CYS B 177 5.41 5.22 10.19
CA CYS B 177 4.94 6.61 10.16
C CYS B 177 3.43 6.66 9.91
N PHE B 178 2.87 5.55 9.43
CA PHE B 178 1.43 5.39 9.26
C PHE B 178 0.74 5.30 10.63
N PHE B 179 1.32 4.49 11.49
CA PHE B 179 0.99 4.41 12.90
C PHE B 179 1.08 5.79 13.53
N ALA B 180 2.28 6.32 13.58
CA ALA B 180 2.60 7.59 14.18
C ALA B 180 1.63 8.72 13.87
N ASP B 181 0.85 8.67 12.79
CA ASP B 181 0.03 9.87 12.53
C ASP B 181 -1.45 9.58 12.76
N GLY B 182 -1.73 8.37 13.23
CA GLY B 182 -3.10 8.02 13.58
C GLY B 182 -3.72 7.10 12.55
N SER B 183 -3.06 6.98 11.40
CA SER B 183 -3.56 6.08 10.35
C SER B 183 -3.75 4.68 10.90
N PHE B 184 -2.76 4.10 11.59
CA PHE B 184 -3.00 2.76 12.13
C PHE B 184 -2.82 2.72 13.64
N ASP B 185 -3.50 1.80 14.32
CA ASP B 185 -3.54 1.73 15.78
C ASP B 185 -2.32 1.04 16.37
N CYS B 186 -1.46 0.61 15.47
CA CYS B 186 -0.22 -0.04 15.89
C CYS B 186 0.57 -0.53 14.68
N PHE B 187 1.79 -0.94 14.96
CA PHE B 187 2.69 -1.59 14.01
C PHE B 187 3.08 -2.92 14.63
N LEU B 188 3.18 -3.96 13.80
CA LEU B 188 3.58 -5.23 14.38
C LEU B 188 4.59 -5.97 13.51
N ASP B 189 5.85 -5.98 13.95
CA ASP B 189 6.75 -6.93 13.31
C ASP B 189 6.97 -8.08 14.29
N ILE B 190 6.27 -9.19 14.07
CA ILE B 190 6.32 -10.28 15.02
C ILE B 190 7.07 -11.49 14.46
N ARG B 191 7.63 -11.29 13.29
CA ARG B 191 8.44 -12.29 12.60
C ARG B 191 9.52 -12.90 13.49
N PRO B 192 9.22 -14.09 13.98
CA PRO B 192 10.07 -14.86 14.90
C PRO B 192 11.51 -14.93 14.47
N GLY B 193 11.79 -14.83 13.17
CA GLY B 193 13.19 -14.81 12.77
C GLY B 193 13.86 -13.50 13.16
N LYS B 194 13.06 -12.53 13.58
CA LYS B 194 13.56 -11.18 13.84
C LYS B 194 14.24 -10.67 12.57
N MET B 195 13.49 -10.03 11.67
CA MET B 195 14.06 -9.64 10.39
C MET B 195 13.82 -8.18 10.04
N LEU B 196 14.11 -7.29 10.98
CA LEU B 196 14.05 -5.83 10.80
C LEU B 196 15.40 -5.24 11.20
N ARG B 197 16.15 -4.64 10.28
CA ARG B 197 17.44 -4.09 10.67
C ARG B 197 17.33 -2.68 11.23
N ILE B 198 18.40 -2.15 11.82
CA ILE B 198 18.30 -0.84 12.45
C ILE B 198 17.96 0.25 11.44
N TYR B 199 18.63 0.31 10.29
CA TYR B 199 18.36 1.36 9.31
C TYR B 199 16.94 1.22 8.77
N ASP B 200 16.42 0.00 8.89
CA ASP B 200 15.08 -0.40 8.55
C ASP B 200 14.02 0.27 9.41
N ALA B 201 14.24 0.47 10.71
CA ALA B 201 13.13 1.01 11.51
C ALA B 201 13.54 2.03 12.55
N ALA B 202 14.83 2.27 12.71
CA ALA B 202 15.34 3.20 13.72
C ALA B 202 14.60 4.53 13.65
N ALA B 203 14.58 5.12 12.46
CA ALA B 203 13.89 6.39 12.28
C ALA B 203 12.42 6.29 12.70
N GLY B 204 11.66 5.53 11.91
CA GLY B 204 10.24 5.28 12.08
C GLY B 204 9.84 5.18 13.54
N VAL B 205 10.61 4.40 14.30
CA VAL B 205 10.37 4.29 15.72
C VAL B 205 10.36 5.67 16.37
N PHE B 206 11.48 6.36 16.24
CA PHE B 206 11.72 7.67 16.82
C PHE B 206 10.53 8.59 16.60
N ILE B 207 10.10 8.71 15.34
CA ILE B 207 8.99 9.62 15.09
C ILE B 207 7.71 9.12 15.76
N ALA B 208 7.44 7.82 15.67
CA ALA B 208 6.25 7.27 16.31
C ALA B 208 6.27 7.63 17.79
N GLU B 209 7.44 7.42 18.38
CA GLU B 209 7.54 7.70 19.81
C GLU B 209 7.36 9.19 20.06
N LYS B 210 8.07 10.00 19.27
CA LYS B 210 7.92 11.44 19.41
C LYS B 210 6.48 11.89 19.25
N ALA B 211 5.67 11.13 18.54
CA ALA B 211 4.26 11.42 18.29
C ALA B 211 3.42 10.92 19.46
N GLY B 212 4.12 10.52 20.50
CA GLY B 212 3.53 9.87 21.66
C GLY B 212 3.16 8.43 21.38
N GLY B 213 4.12 7.49 21.46
CA GLY B 213 3.77 6.12 21.15
C GLY B 213 4.51 5.08 21.95
N LYS B 214 3.81 3.99 22.27
CA LYS B 214 4.50 2.92 22.98
C LYS B 214 5.14 1.97 21.96
N VAL B 215 6.45 2.12 21.79
CA VAL B 215 7.16 1.31 20.81
C VAL B 215 8.30 0.55 21.50
N THR B 216 8.15 -0.75 21.55
CA THR B 216 8.98 -1.72 22.22
C THR B 216 9.15 -3.00 21.40
N GLU B 217 9.89 -3.94 21.95
CA GLU B 217 10.06 -5.29 21.44
C GLU B 217 8.87 -6.18 21.81
N LEU B 218 9.11 -7.48 21.62
CA LEU B 218 8.08 -8.48 21.83
C LEU B 218 7.75 -8.61 23.30
N ASP B 219 8.76 -8.31 24.11
CA ASP B 219 8.69 -8.40 25.57
C ASP B 219 8.32 -7.06 26.18
N GLY B 220 7.95 -6.09 25.35
CA GLY B 220 7.72 -4.74 25.83
C GLY B 220 8.93 -4.11 26.47
N GLU B 221 10.13 -4.67 26.28
CA GLU B 221 11.30 -3.97 26.84
C GLU B 221 11.77 -2.94 25.83
N SER B 222 12.34 -1.84 26.31
CA SER B 222 12.87 -0.75 25.53
C SER B 222 13.59 -1.21 24.26
N LEU B 223 13.74 -0.29 23.33
CA LEU B 223 14.56 -0.49 22.14
C LEU B 223 15.82 0.36 22.22
N GLY B 224 15.99 1.07 23.34
CA GLY B 224 17.01 2.08 23.45
C GLY B 224 18.41 1.65 23.10
N ASN B 225 18.78 0.41 23.41
CA ASN B 225 20.18 0.02 23.23
C ASN B 225 20.36 -0.79 21.95
N LYS B 226 19.40 -0.62 21.03
CA LYS B 226 19.60 -1.20 19.70
C LYS B 226 20.80 -0.53 19.05
N LYS B 227 21.35 -1.17 18.03
CA LYS B 227 22.62 -0.75 17.47
C LYS B 227 22.57 -0.31 16.01
N PHE B 228 23.34 0.72 15.72
CA PHE B 228 23.65 1.16 14.38
C PHE B 228 24.77 0.26 13.83
N ASP B 229 24.51 -1.04 13.85
CA ASP B 229 25.41 -1.99 13.20
C ASP B 229 24.58 -2.91 12.30
N MET B 230 25.25 -3.57 11.37
CA MET B 230 24.59 -4.38 10.34
C MET B 230 23.93 -5.60 10.93
N GLN B 231 24.49 -6.11 12.03
CA GLN B 231 23.89 -7.37 12.51
C GLN B 231 22.77 -7.10 13.50
N GLU B 232 22.54 -5.83 13.84
CA GLU B 232 21.43 -5.55 14.77
C GLU B 232 20.13 -5.94 14.10
N ARG B 233 19.23 -6.63 14.78
CA ARG B 233 17.93 -6.84 14.12
C ARG B 233 16.84 -6.74 15.17
N LEU B 234 15.59 -6.53 14.80
CA LEU B 234 14.58 -6.38 15.86
C LEU B 234 13.19 -6.82 15.42
N ASN B 235 12.39 -7.13 16.43
CA ASN B 235 10.95 -7.32 16.32
C ASN B 235 10.30 -6.07 16.89
N ILE B 236 9.03 -5.78 16.58
CA ILE B 236 8.45 -4.51 16.98
C ILE B 236 6.96 -4.56 17.26
N VAL B 237 6.61 -3.93 18.37
CA VAL B 237 5.22 -3.71 18.73
C VAL B 237 5.07 -2.26 19.19
N ALA B 238 4.14 -1.55 18.58
CA ALA B 238 3.97 -0.13 18.79
C ALA B 238 2.50 0.26 18.78
N ALA B 239 2.10 0.98 19.82
CA ALA B 239 0.72 1.46 19.92
C ALA B 239 0.67 2.56 20.96
N ASN B 240 -0.49 3.19 21.15
CA ASN B 240 -0.59 4.19 22.22
C ASN B 240 -0.40 3.48 23.56
N GLU B 241 0.04 4.22 24.57
CA GLU B 241 0.33 3.70 25.90
C GLU B 241 -0.76 2.76 26.43
N LYS B 242 -2.00 2.96 26.04
CA LYS B 242 -3.13 2.21 26.58
C LYS B 242 -3.58 1.07 25.69
N LEU B 243 -3.02 0.99 24.49
CA LEU B 243 -3.36 -0.11 23.59
C LEU B 243 -2.36 -1.25 23.79
N HIS B 244 -1.09 -0.85 23.88
CA HIS B 244 0.04 -1.75 23.98
C HIS B 244 -0.22 -2.97 24.83
N PRO B 245 -0.62 -2.83 26.09
CA PRO B 245 -0.72 -4.00 26.98
C PRO B 245 -1.64 -5.08 26.43
N LYS B 246 -2.61 -4.66 25.61
CA LYS B 246 -3.54 -5.61 25.04
C LYS B 246 -2.90 -6.36 23.87
N LEU B 247 -2.35 -5.66 22.88
CA LEU B 247 -1.71 -6.40 21.78
C LEU B 247 -0.57 -7.24 22.35
N LEU B 248 0.09 -6.69 23.36
CA LEU B 248 1.11 -7.47 24.07
C LEU B 248 0.44 -8.72 24.63
N GLU B 249 -0.65 -8.46 25.35
CA GLU B 249 -1.55 -9.51 25.81
C GLU B 249 -1.81 -10.45 24.62
N LEU B 250 -2.82 -10.09 23.86
CA LEU B 250 -3.29 -10.62 22.60
C LEU B 250 -2.30 -11.58 21.95
N ILE B 251 -1.29 -11.06 21.29
CA ILE B 251 -0.38 -11.94 20.55
C ILE B 251 0.51 -12.74 21.48
N LYS B 252 0.43 -12.53 22.79
CA LYS B 252 1.30 -13.30 23.68
C LYS B 252 0.92 -14.78 23.68
P1 FBP C . -14.10 0.61 0.12
O1P FBP C . -14.47 1.22 -1.23
O2P FBP C . -15.28 0.73 1.08
O3P FBP C . -12.93 1.34 0.55
O1 FBP C . -13.86 -0.86 -0.17
C1 FBP C . -13.45 -1.81 0.83
C2 FBP C . -12.21 -2.57 0.51
O2 FBP C . -11.27 -1.68 0.03
C3 FBP C . -12.29 -3.75 -0.50
O3 FBP C . -11.70 -3.34 -1.73
C4 FBP C . -11.56 -4.85 0.17
O4 FBP C . -12.05 -5.97 -0.53
C5 FBP C . -11.94 -4.51 1.60
O5 FBP C . -11.66 -3.10 1.67
C6 FBP C . -11.14 -5.27 2.64
O6 FBP C . -11.97 -5.60 3.75
P2 FBP C . -11.90 -4.88 5.14
O4P FBP C . -13.38 -4.89 5.62
O5P FBP C . -11.49 -3.41 4.84
O6P FBP C . -10.98 -5.56 6.10
CA CA D . -16.00 -1.00 -1.97
CA CA E . -16.50 2.74 -2.39
CA CA F . -19.31 2.67 2.82
P1 FBP G . 13.17 -3.39 1.74
O1P FBP G . 14.38 -2.46 1.70
O2P FBP G . 13.57 -4.77 1.24
O3P FBP G . 12.23 -2.74 0.86
O1 FBP G . 12.84 -3.46 3.21
C1 FBP G . 12.51 -4.66 3.94
C2 FBP G . 11.07 -4.83 4.23
O2 FBP G . 10.37 -4.72 3.05
C3 FBP G . 10.35 -3.95 5.28
O3 FBP G . 10.22 -2.60 4.85
C4 FBP G . 9.05 -4.65 5.41
O4 FBP G . 8.65 -4.28 6.70
C5 FBP G . 9.41 -6.07 5.04
O5 FBP G . 10.79 -6.11 4.68
C6 FBP G . 8.51 -6.59 3.93
O6 FBP G . 8.80 -7.96 3.69
P2 FBP G . 9.52 -8.37 2.36
O4P FBP G . 8.53 -9.35 1.69
O5P FBP G . 10.77 -9.16 2.84
O6P FBP G . 9.87 -7.21 1.48
CA CA H . 14.64 -1.61 4.35
CA CA I . 16.29 -0.59 1.00
CA CA J . 18.86 -5.00 -0.83
#